data_7SPY
#
_entry.id   7SPY
#
_cell.length_a   79.646
_cell.length_b   79.646
_cell.length_c   130.070
_cell.angle_alpha   90.00
_cell.angle_beta   90.00
_cell.angle_gamma   120.00
#
_symmetry.space_group_name_H-M   'P 32 2 1'
#
loop_
_entity.id
_entity.type
_entity.pdbx_description
1 polymer 'ATPase ASNA1 homolog'
2 non-polymer "ADENOSINE-5'-TRIPHOSPHATE"
3 non-polymer 'MAGNESIUM ION'
4 non-polymer 'ZINC ION'
5 non-polymer 'SULFATE ION'
6 water water
#
_entity_poly.entity_id   1
_entity_poly.type   'polypeptide(L)'
_entity_poly.pdbx_seq_one_letter_code
;ATYMLPSLHDILDQHTYKWIFFGGKGGVGKTTTSSSFSVLMAETRPNEKFLLLSTNPAHNISDAFDQKFGKAPTQVSGIP
NLYAMEVDASNEMKSAVEAVQKETGSAADNDAESKSEGDMFGGLNDLITCASSFIKDGTFPGMDEMWSFINLIKLIDTNE
YSTVIFDTAPTGHTLRFLELPETVNKVLEIFTRLKDNMGGMLSMVMQTMGLSQNDIFGLIDKTYPKIDVVKRISAEFRDP
SLCTFVGVCIPEFLSLYETERLVQRLAVLDMDCHAIVINFVLDANAATPCSMCRSRARMQNKYIDQINELYDDFNIVLSP
LRHDEVRGIANLRDYAETLIKPYRFCWSANPDPSSAK
;
_entity_poly.pdbx_strand_id   A
#
# COMPACT_ATOMS: atom_id res chain seq x y z
N ALA A 1 11.04 -6.79 -28.09
CA ALA A 1 10.42 -5.45 -28.30
C ALA A 1 10.22 -4.76 -26.93
N THR A 2 11.24 -4.03 -26.47
CA THR A 2 11.29 -3.31 -25.16
C THR A 2 11.43 -4.33 -24.02
N TYR A 3 12.52 -5.11 -24.03
CA TYR A 3 12.94 -6.01 -22.92
C TYR A 3 12.80 -5.26 -21.59
N MET A 4 11.85 -5.70 -20.75
CA MET A 4 11.75 -5.30 -19.33
C MET A 4 12.58 -6.30 -18.53
N LEU A 5 13.60 -5.83 -17.80
CA LEU A 5 14.36 -6.65 -16.84
C LEU A 5 13.34 -7.30 -15.92
N PRO A 6 13.32 -8.65 -15.80
CA PRO A 6 12.37 -9.34 -14.91
C PRO A 6 12.83 -9.27 -13.45
N SER A 7 12.82 -8.07 -12.88
CA SER A 7 13.30 -7.79 -11.52
C SER A 7 12.78 -6.45 -11.02
N LEU A 8 12.92 -6.21 -9.72
CA LEU A 8 12.58 -4.92 -9.06
C LEU A 8 13.84 -4.05 -8.89
N HIS A 9 14.93 -4.35 -9.61
CA HIS A 9 16.22 -3.63 -9.41
C HIS A 9 16.01 -2.14 -9.74
N ASP A 10 15.26 -1.81 -10.80
CA ASP A 10 14.97 -0.39 -11.16
C ASP A 10 14.21 0.28 -10.00
N ILE A 11 13.22 -0.39 -9.42
CA ILE A 11 12.47 0.19 -8.26
C ILE A 11 13.43 0.39 -7.08
N LEU A 12 14.23 -0.63 -6.77
CA LEU A 12 15.24 -0.56 -5.68
C LEU A 12 16.16 0.65 -5.87
N ASP A 13 16.53 0.98 -7.12
CA ASP A 13 17.54 2.02 -7.43
C ASP A 13 16.88 3.38 -7.63
N GLN A 14 15.55 3.44 -7.68
CA GLN A 14 14.80 4.71 -7.84
C GLN A 14 14.57 5.33 -6.45
N HIS A 15 15.45 6.24 -6.05
CA HIS A 15 15.45 6.84 -4.69
C HIS A 15 14.36 7.93 -4.57
N THR A 16 13.72 8.37 -5.65
CA THR A 16 12.61 9.34 -5.54
C THR A 16 11.37 8.68 -4.89
N TYR A 17 11.24 7.34 -4.93
CA TYR A 17 10.06 6.62 -4.37
C TYR A 17 9.93 6.89 -2.87
N LYS A 18 8.74 7.33 -2.45
CA LYS A 18 8.41 7.61 -1.03
C LYS A 18 7.42 6.57 -0.52
N TRP A 19 6.64 5.98 -1.41
CA TRP A 19 5.50 5.08 -1.09
C TRP A 19 5.56 3.88 -2.02
N ILE A 20 5.74 2.67 -1.48
CA ILE A 20 5.71 1.44 -2.32
C ILE A 20 4.73 0.46 -1.68
N PHE A 21 3.71 0.08 -2.42
CA PHE A 21 2.66 -0.88 -2.01
C PHE A 21 2.91 -2.23 -2.68
N PHE A 22 2.64 -3.32 -1.96
CA PHE A 22 2.53 -4.68 -2.50
C PHE A 22 1.11 -5.18 -2.23
N GLY A 23 0.47 -5.76 -3.23
CA GLY A 23 -0.91 -6.27 -3.10
C GLY A 23 -1.20 -7.43 -4.02
N GLY A 24 -2.34 -8.07 -3.80
CA GLY A 24 -2.82 -9.20 -4.62
C GLY A 24 -3.74 -10.10 -3.84
N LYS A 25 -4.16 -11.19 -4.48
CA LYS A 25 -5.13 -12.17 -3.93
C LYS A 25 -4.64 -12.65 -2.56
N GLY A 26 -5.54 -13.16 -1.73
CA GLY A 26 -5.19 -13.87 -0.50
C GLY A 26 -4.11 -14.90 -0.76
N GLY A 27 -3.06 -14.90 0.08
CA GLY A 27 -2.07 -16.00 0.18
C GLY A 27 -0.99 -16.00 -0.88
N VAL A 28 -0.85 -14.98 -1.71
CA VAL A 28 0.05 -15.05 -2.90
C VAL A 28 1.50 -14.65 -2.54
N GLY A 29 1.72 -14.03 -1.36
CA GLY A 29 3.04 -13.61 -0.86
C GLY A 29 3.22 -12.11 -0.64
N LYS A 30 2.14 -11.34 -0.38
CA LYS A 30 2.20 -9.87 -0.14
C LYS A 30 3.16 -9.60 1.02
N THR A 31 2.98 -10.30 2.14
CA THR A 31 3.74 -10.11 3.39
C THR A 31 5.20 -10.52 3.16
N THR A 32 5.44 -11.73 2.63
CA THR A 32 6.80 -12.24 2.30
C THR A 32 7.51 -11.24 1.38
N THR A 33 6.87 -10.82 0.29
CA THR A 33 7.50 -9.95 -0.74
C THR A 33 7.77 -8.52 -0.21
N SER A 34 6.82 -7.92 0.49
CA SER A 34 6.95 -6.54 1.05
C SER A 34 8.05 -6.56 2.12
N SER A 35 8.05 -7.57 3.00
CA SER A 35 9.06 -7.75 4.06
C SER A 35 10.45 -7.94 3.46
N SER A 36 10.59 -8.83 2.47
CA SER A 36 11.89 -9.14 1.82
C SER A 36 12.43 -7.87 1.16
N PHE A 37 11.56 -7.19 0.43
CA PHE A 37 11.98 -6.02 -0.38
C PHE A 37 12.42 -4.90 0.57
N SER A 38 11.73 -4.76 1.70
CA SER A 38 12.02 -3.70 2.70
C SER A 38 13.39 -3.97 3.33
N VAL A 39 13.75 -5.24 3.57
CA VAL A 39 15.12 -5.64 4.02
C VAL A 39 16.16 -5.26 2.95
N LEU A 40 15.90 -5.61 1.70
CA LEU A 40 16.80 -5.31 0.55
C LEU A 40 17.05 -3.81 0.48
N MET A 41 16.01 -2.98 0.53
CA MET A 41 16.14 -1.50 0.46
C MET A 41 17.02 -1.00 1.61
N ALA A 42 16.74 -1.45 2.82
CA ALA A 42 17.41 -1.02 4.07
C ALA A 42 18.89 -1.40 4.00
N GLU A 43 19.20 -2.62 3.55
CA GLU A 43 20.61 -3.08 3.54
C GLU A 43 21.40 -2.44 2.39
N THR A 44 20.75 -2.07 1.29
CA THR A 44 21.47 -1.41 0.16
C THR A 44 21.60 0.10 0.42
N ARG A 45 20.78 0.68 1.32
CA ARG A 45 20.74 2.13 1.61
C ARG A 45 20.86 2.34 3.12
N PRO A 46 21.98 1.94 3.75
CA PRO A 46 22.10 1.95 5.20
C PRO A 46 22.07 3.36 5.84
N ASN A 47 22.31 4.41 5.05
CA ASN A 47 22.38 5.80 5.56
CA ASN A 47 22.40 5.83 5.49
C ASN A 47 21.00 6.46 5.48
N GLU A 48 19.99 5.70 5.04
CA GLU A 48 18.57 6.16 5.01
C GLU A 48 17.75 5.28 5.96
N LYS A 49 16.53 5.72 6.28
CA LYS A 49 15.60 5.01 7.19
C LYS A 49 14.34 4.60 6.43
N PHE A 50 13.79 3.45 6.79
CA PHE A 50 12.65 2.85 6.06
C PHE A 50 11.63 2.31 7.07
N LEU A 51 10.36 2.39 6.70
CA LEU A 51 9.22 1.91 7.52
C LEU A 51 8.42 0.91 6.70
N LEU A 52 8.27 -0.30 7.22
CA LEU A 52 7.34 -1.33 6.70
C LEU A 52 6.06 -1.26 7.55
N LEU A 53 4.92 -1.08 6.90
CA LEU A 53 3.58 -0.99 7.51
C LEU A 53 2.72 -2.15 7.04
N SER A 54 2.15 -2.91 7.96
CA SER A 54 1.06 -3.86 7.68
C SER A 54 -0.27 -3.09 7.81
N THR A 55 -1.05 -3.04 6.72
CA THR A 55 -2.47 -2.58 6.70
C THR A 55 -3.39 -3.78 6.47
N ASN A 56 -2.88 -5.01 6.59
CA ASN A 56 -3.74 -6.22 6.64
C ASN A 56 -4.13 -6.42 8.10
N PRO A 57 -5.43 -6.34 8.46
CA PRO A 57 -5.84 -6.54 9.85
C PRO A 57 -5.34 -7.89 10.36
N ALA A 58 -5.18 -8.87 9.46
CA ALA A 58 -4.45 -10.12 9.73
C ALA A 58 -2.95 -9.83 9.63
N HIS A 59 -2.37 -9.15 10.62
CA HIS A 59 -0.95 -8.73 10.63
C HIS A 59 -0.05 -9.97 10.74
N ASN A 60 0.88 -10.14 9.81
CA ASN A 60 1.80 -11.32 9.77
C ASN A 60 3.25 -10.86 9.64
N ILE A 61 3.54 -9.57 9.72
CA ILE A 61 4.93 -9.05 9.60
C ILE A 61 5.78 -9.56 10.78
N SER A 62 5.24 -9.60 12.00
CA SER A 62 5.95 -10.16 13.18
C SER A 62 6.44 -11.58 12.90
N ASP A 63 5.56 -12.41 12.35
CA ASP A 63 5.80 -13.87 12.15
C ASP A 63 6.72 -14.08 10.94
N ALA A 64 6.64 -13.24 9.91
CA ALA A 64 7.58 -13.25 8.77
C ALA A 64 9.00 -12.94 9.25
N PHE A 65 9.19 -11.97 10.16
CA PHE A 65 10.52 -11.53 10.65
C PHE A 65 10.94 -12.38 11.86
N ASP A 66 9.99 -13.07 12.46
CA ASP A 66 10.17 -13.78 13.76
C ASP A 66 10.69 -12.75 14.78
N GLN A 67 10.00 -11.62 14.87
CA GLN A 67 10.31 -10.55 15.83
C GLN A 67 8.99 -9.88 16.20
N LYS A 68 8.76 -9.58 17.47
CA LYS A 68 7.50 -8.91 17.89
C LYS A 68 7.55 -7.45 17.46
N PHE A 69 6.63 -7.06 16.57
CA PHE A 69 6.37 -5.65 16.19
C PHE A 69 5.07 -5.24 16.85
N GLY A 70 4.90 -3.94 17.09
CA GLY A 70 3.72 -3.36 17.74
C GLY A 70 3.03 -2.34 16.87
N LYS A 71 2.28 -1.45 17.52
CA LYS A 71 1.43 -0.40 16.90
C LYS A 71 2.23 0.90 16.72
N ALA A 72 3.49 0.92 17.14
CA ALA A 72 4.45 2.04 16.94
C ALA A 72 5.68 1.51 16.22
N PRO A 73 6.41 2.36 15.43
CA PRO A 73 7.59 1.89 14.70
C PRO A 73 8.54 1.10 15.60
N THR A 74 8.83 -0.15 15.22
CA THR A 74 9.76 -1.05 15.95
C THR A 74 10.99 -1.33 15.09
N GLN A 75 12.17 -1.16 15.66
CA GLN A 75 13.45 -1.33 14.96
C GLN A 75 13.68 -2.82 14.74
N VAL A 76 14.03 -3.19 13.53
CA VAL A 76 14.26 -4.61 13.15
C VAL A 76 15.63 -5.01 13.66
N SER A 77 15.70 -6.13 14.40
CA SER A 77 16.95 -6.85 14.78
C SER A 77 17.89 -6.91 13.58
N GLY A 78 19.09 -6.37 13.71
CA GLY A 78 20.17 -6.56 12.73
C GLY A 78 20.12 -5.55 11.59
N ILE A 79 19.03 -4.79 11.46
CA ILE A 79 18.81 -3.82 10.35
C ILE A 79 18.30 -2.54 10.98
N PRO A 80 19.20 -1.79 11.66
CA PRO A 80 18.80 -0.72 12.57
C PRO A 80 18.18 0.48 11.88
N ASN A 81 18.26 0.56 10.54
CA ASN A 81 17.63 1.64 9.77
C ASN A 81 16.26 1.20 9.27
N LEU A 82 15.79 0.00 9.65
CA LEU A 82 14.47 -0.51 9.19
C LEU A 82 13.51 -0.59 10.39
N TYR A 83 12.32 -0.02 10.24
CA TYR A 83 11.26 -0.04 11.28
C TYR A 83 10.02 -0.72 10.69
N ALA A 84 9.32 -1.44 11.55
CA ALA A 84 8.10 -2.18 11.17
C ALA A 84 7.00 -1.83 12.16
N MET A 85 5.76 -1.76 11.67
CA MET A 85 4.60 -1.33 12.48
C MET A 85 3.30 -1.91 11.93
N GLU A 86 2.41 -2.33 12.82
CA GLU A 86 1.02 -2.72 12.48
C GLU A 86 0.11 -1.49 12.62
N VAL A 87 -0.64 -1.20 11.56
CA VAL A 87 -1.64 -0.10 11.48
C VAL A 87 -3.02 -0.72 11.61
N ASP A 88 -3.78 -0.37 12.64
CA ASP A 88 -5.14 -0.92 12.89
C ASP A 88 -6.17 -0.07 12.16
N ALA A 89 -7.40 -0.58 12.02
CA ALA A 89 -8.53 0.09 11.35
C ALA A 89 -9.00 1.26 12.23
N SER A 90 -9.50 2.33 11.60
CA SER A 90 -10.07 3.56 12.22
C SER A 90 -9.35 3.89 13.54
N GLY A 118 -5.94 16.15 18.54
CA GLY A 118 -6.41 15.26 19.61
C GLY A 118 -7.93 15.19 19.67
N ASP A 119 -8.53 15.95 20.59
CA ASP A 119 -10.00 15.98 20.84
C ASP A 119 -10.70 16.89 19.81
N MET A 120 -9.93 17.58 18.96
CA MET A 120 -10.45 18.30 17.76
C MET A 120 -11.16 17.31 16.84
N PHE A 121 -10.69 16.05 16.79
CA PHE A 121 -11.31 14.91 16.04
C PHE A 121 -12.81 14.87 16.30
N GLY A 122 -13.19 14.67 17.57
CA GLY A 122 -14.59 14.60 18.03
C GLY A 122 -15.40 15.79 17.53
N GLY A 123 -14.87 17.01 17.73
CA GLY A 123 -15.56 18.28 17.42
C GLY A 123 -15.73 18.48 15.92
N LEU A 124 -14.66 18.28 15.15
CA LEU A 124 -14.68 18.45 13.67
C LEU A 124 -15.60 17.40 13.06
N ASN A 125 -15.53 16.16 13.55
CA ASN A 125 -16.37 15.04 13.09
C ASN A 125 -17.86 15.41 13.23
N ASP A 126 -18.25 15.85 14.43
CA ASP A 126 -19.64 16.29 14.76
C ASP A 126 -20.05 17.44 13.84
N LEU A 127 -19.18 18.45 13.67
CA LEU A 127 -19.40 19.58 12.73
C LEU A 127 -19.67 19.02 11.32
N ILE A 128 -18.87 18.05 10.87
CA ILE A 128 -18.98 17.48 9.50
C ILE A 128 -20.32 16.74 9.37
N THR A 129 -20.60 15.80 10.28
CA THR A 129 -21.81 14.92 10.23
C THR A 129 -23.07 15.82 10.24
N CYS A 130 -23.09 16.86 11.08
CA CYS A 130 -24.22 17.84 11.17
C CYS A 130 -24.34 18.63 9.85
N ALA A 131 -23.25 19.25 9.38
CA ALA A 131 -23.25 20.16 8.20
C ALA A 131 -23.60 19.39 6.92
N SER A 132 -23.20 18.12 6.82
CA SER A 132 -23.36 17.28 5.60
C SER A 132 -24.83 16.94 5.40
N SER A 133 -25.57 16.69 6.49
CA SER A 133 -27.02 16.36 6.48
C SER A 133 -27.88 17.55 5.99
N PHE A 134 -27.27 18.70 5.71
CA PHE A 134 -27.95 19.87 5.08
C PHE A 134 -28.03 19.69 3.55
N ILE A 135 -27.38 18.66 2.99
CA ILE A 135 -27.37 18.37 1.52
C ILE A 135 -27.47 16.85 1.29
N LYS A 136 -27.82 16.45 0.07
CA LYS A 136 -28.07 15.03 -0.33
C LYS A 136 -26.75 14.25 -0.39
N ASP A 137 -26.81 12.94 -0.11
CA ASP A 137 -25.64 12.03 -0.07
C ASP A 137 -24.66 12.50 1.02
N GLY A 138 -25.10 13.42 1.89
CA GLY A 138 -24.26 14.07 2.91
C GLY A 138 -24.10 13.20 4.13
N THR A 139 -23.51 12.02 3.95
CA THR A 139 -23.14 11.05 5.02
C THR A 139 -21.89 10.28 4.58
N PHE A 140 -20.99 10.96 3.84
CA PHE A 140 -19.78 10.37 3.19
C PHE A 140 -18.87 9.76 4.25
N PRO A 141 -18.33 8.54 4.02
CA PRO A 141 -17.52 7.85 5.03
C PRO A 141 -16.02 8.21 5.01
N GLY A 142 -15.28 7.76 6.03
CA GLY A 142 -13.81 7.79 6.07
C GLY A 142 -13.25 9.02 6.75
N MET A 143 -13.91 9.49 7.81
CA MET A 143 -13.44 10.63 8.65
C MET A 143 -12.44 10.10 9.68
N ASP A 144 -12.63 8.85 10.14
CA ASP A 144 -11.66 8.12 11.01
C ASP A 144 -10.40 7.86 10.21
N GLU A 145 -10.58 7.32 9.00
CA GLU A 145 -9.52 7.10 7.98
C GLU A 145 -8.59 8.31 7.92
N MET A 146 -9.16 9.47 7.62
CA MET A 146 -8.44 10.77 7.53
C MET A 146 -7.61 10.97 8.80
N TRP A 147 -8.20 10.78 9.99
CA TRP A 147 -7.50 11.06 11.27
C TRP A 147 -6.40 10.02 11.52
N SER A 148 -6.68 8.72 11.28
CA SER A 148 -5.64 7.65 11.25
C SER A 148 -4.47 8.11 10.39
N PHE A 149 -4.75 8.59 9.18
CA PHE A 149 -3.71 8.97 8.18
C PHE A 149 -2.93 10.20 8.67
N ILE A 150 -3.61 11.25 9.16
CA ILE A 150 -2.94 12.45 9.75
C ILE A 150 -1.93 11.99 10.81
N ASN A 151 -2.37 11.12 11.74
CA ASN A 151 -1.48 10.51 12.78
C ASN A 151 -0.23 9.91 12.10
N LEU A 152 -0.43 9.15 11.02
CA LEU A 152 0.62 8.34 10.34
C LEU A 152 1.68 9.27 9.74
N ILE A 153 1.24 10.38 9.12
CA ILE A 153 2.14 11.42 8.54
C ILE A 153 2.96 12.05 9.67
N LYS A 154 2.32 12.23 10.83
CA LYS A 154 2.97 12.66 12.10
C LYS A 154 4.28 11.89 12.24
N LEU A 155 4.19 10.55 12.40
CA LEU A 155 5.33 9.62 12.66
C LEU A 155 6.37 9.74 11.56
N ILE A 156 5.93 9.80 10.30
CA ILE A 156 6.78 9.59 9.09
C ILE A 156 7.69 10.82 8.90
N ASP A 157 7.17 12.04 9.10
CA ASP A 157 7.94 13.30 8.96
C ASP A 157 8.92 13.40 10.13
N THR A 158 8.44 13.12 11.35
CA THR A 158 9.22 13.12 12.62
C THR A 158 10.45 12.21 12.52
N ASN A 159 10.26 10.95 12.12
CA ASN A 159 11.33 9.90 12.14
C ASN A 159 12.11 9.92 10.81
N GLU A 160 11.63 10.68 9.81
CA GLU A 160 12.35 10.97 8.54
C GLU A 160 12.71 9.68 7.80
N TYR A 161 11.69 8.93 7.39
CA TYR A 161 11.83 7.75 6.48
C TYR A 161 11.98 8.26 5.05
N SER A 162 12.90 7.70 4.27
CA SER A 162 13.02 7.98 2.82
C SER A 162 11.86 7.31 2.08
N THR A 163 11.39 6.17 2.58
CA THR A 163 10.34 5.37 1.87
C THR A 163 9.53 4.57 2.88
N VAL A 164 8.24 4.50 2.64
CA VAL A 164 7.32 3.63 3.42
C VAL A 164 6.85 2.51 2.50
N ILE A 165 6.90 1.27 3.00
CA ILE A 165 6.47 0.05 2.26
C ILE A 165 5.21 -0.49 2.92
N PHE A 166 4.17 -0.73 2.13
CA PHE A 166 2.86 -1.26 2.59
C PHE A 166 2.72 -2.73 2.25
N ASP A 167 2.51 -3.56 3.27
CA ASP A 167 1.97 -4.93 3.16
C ASP A 167 0.43 -4.86 3.26
N THR A 168 -0.27 -4.87 2.13
CA THR A 168 -1.73 -4.63 2.13
C THR A 168 -2.54 -5.89 2.47
N ALA A 169 -3.81 -5.66 2.76
CA ALA A 169 -4.87 -6.69 2.83
C ALA A 169 -5.12 -7.24 1.41
N PRO A 170 -5.73 -8.44 1.30
CA PRO A 170 -6.03 -9.01 0.00
C PRO A 170 -6.90 -8.08 -0.86
N THR A 171 -6.85 -8.26 -2.18
CA THR A 171 -7.76 -7.61 -3.16
C THR A 171 -9.21 -7.82 -2.72
N GLY A 172 -10.09 -6.88 -3.03
CA GLY A 172 -11.51 -6.90 -2.61
C GLY A 172 -11.73 -6.22 -1.27
N HIS A 173 -10.81 -6.42 -0.31
CA HIS A 173 -10.70 -5.60 0.93
C HIS A 173 -10.27 -4.18 0.52
N THR A 174 -10.93 -3.14 1.02
CA THR A 174 -10.77 -1.74 0.54
C THR A 174 -9.33 -1.30 0.76
N LEU A 175 -8.76 -0.62 -0.22
CA LEU A 175 -7.35 -0.16 -0.19
C LEU A 175 -7.21 1.00 0.82
N ARG A 176 -6.45 0.76 1.87
CA ARG A 176 -6.29 1.69 3.03
C ARG A 176 -5.64 2.99 2.54
N PHE A 177 -6.31 4.14 2.72
CA PHE A 177 -5.79 5.53 2.55
C PHE A 177 -5.90 6.02 1.10
N LEU A 178 -6.24 5.17 0.13
CA LEU A 178 -6.12 5.53 -1.31
C LEU A 178 -7.32 6.35 -1.80
N GLU A 179 -8.40 6.46 -1.03
CA GLU A 179 -9.62 7.20 -1.45
C GLU A 179 -9.75 8.53 -0.69
N LEU A 180 -8.76 8.91 0.10
CA LEU A 180 -8.80 10.13 0.95
C LEU A 180 -8.94 11.39 0.10
N PRO A 181 -8.32 11.50 -1.10
CA PRO A 181 -8.56 12.64 -1.99
C PRO A 181 -10.02 13.03 -2.21
N GLU A 182 -10.93 12.05 -2.23
CA GLU A 182 -12.39 12.28 -2.44
C GLU A 182 -13.06 12.62 -1.08
N THR A 183 -12.49 12.13 0.02
CA THR A 183 -12.90 12.51 1.39
C THR A 183 -12.52 13.98 1.61
N VAL A 184 -11.25 14.31 1.37
CA VAL A 184 -10.67 15.69 1.50
C VAL A 184 -11.62 16.67 0.78
N ASN A 185 -12.05 16.35 -0.44
CA ASN A 185 -12.80 17.25 -1.33
C ASN A 185 -14.15 17.64 -0.69
N LYS A 186 -14.86 16.67 -0.13
CA LYS A 186 -16.22 16.86 0.46
C LYS A 186 -16.10 17.70 1.74
N VAL A 187 -15.07 17.46 2.55
CA VAL A 187 -14.78 18.23 3.80
C VAL A 187 -14.48 19.70 3.42
N LEU A 188 -13.63 19.93 2.42
CA LEU A 188 -13.17 21.30 2.06
C LEU A 188 -14.30 22.10 1.41
N GLU A 189 -15.27 21.43 0.77
CA GLU A 189 -16.42 22.14 0.17
C GLU A 189 -17.40 22.53 1.29
N ILE A 190 -17.64 21.64 2.25
CA ILE A 190 -18.41 21.95 3.49
C ILE A 190 -17.77 23.15 4.20
N PHE A 191 -16.44 23.17 4.37
CA PHE A 191 -15.69 24.32 4.94
C PHE A 191 -16.07 25.61 4.21
N THR A 192 -16.07 25.58 2.86
CA THR A 192 -16.46 26.73 2.00
C THR A 192 -17.89 27.15 2.31
N ARG A 193 -18.83 26.22 2.22
CA ARG A 193 -20.28 26.47 2.48
C ARG A 193 -20.45 27.18 3.82
N LEU A 194 -19.86 26.63 4.89
CA LEU A 194 -19.96 27.18 6.27
C LEU A 194 -19.39 28.61 6.31
N LYS A 195 -18.21 28.83 5.72
CA LYS A 195 -17.53 30.16 5.68
C LYS A 195 -18.44 31.19 4.97
N ASP A 196 -19.19 30.77 3.94
CA ASP A 196 -20.03 31.67 3.09
C ASP A 196 -21.47 31.74 3.61
N ASN A 197 -21.83 30.87 4.57
CA ASN A 197 -23.22 30.55 4.97
C ASN A 197 -24.04 30.19 3.71
N MET A 198 -23.56 29.22 2.94
CA MET A 198 -24.16 28.78 1.65
C MET A 198 -25.52 28.11 1.93
N GLY A 199 -26.59 28.71 1.39
CA GLY A 199 -27.99 28.28 1.58
C GLY A 199 -28.39 28.23 3.05
N GLY A 200 -27.75 29.03 3.92
CA GLY A 200 -28.03 29.09 5.36
C GLY A 200 -27.54 27.87 6.14
N MET A 201 -26.52 27.16 5.66
CA MET A 201 -25.97 25.95 6.34
C MET A 201 -25.37 26.36 7.71
N LEU A 202 -24.68 27.50 7.75
CA LEU A 202 -24.03 28.02 8.98
C LEU A 202 -25.07 28.23 10.08
N SER A 203 -26.13 29.01 9.79
CA SER A 203 -27.29 29.26 10.70
C SER A 203 -27.85 27.91 11.22
N MET A 204 -28.14 27.00 10.30
CA MET A 204 -28.68 25.66 10.62
C MET A 204 -27.73 24.99 11.63
N VAL A 205 -26.42 24.98 11.36
CA VAL A 205 -25.41 24.29 12.21
C VAL A 205 -25.32 24.98 13.57
N MET A 206 -25.22 26.32 13.59
CA MET A 206 -25.17 27.12 14.86
C MET A 206 -26.40 26.77 15.70
N GLN A 207 -27.60 26.80 15.09
CA GLN A 207 -28.89 26.57 15.80
C GLN A 207 -28.99 25.09 16.23
N THR A 208 -28.51 24.16 15.40
CA THR A 208 -28.54 22.69 15.68
C THR A 208 -27.55 22.34 16.80
N MET A 209 -26.32 22.85 16.75
CA MET A 209 -25.21 22.41 17.64
C MET A 209 -25.01 23.41 18.80
N GLY A 210 -25.64 24.59 18.73
CA GLY A 210 -25.48 25.66 19.74
C GLY A 210 -24.05 26.17 19.79
N LEU A 211 -23.41 26.33 18.63
CA LEU A 211 -22.05 26.92 18.49
C LEU A 211 -22.19 28.32 17.90
N SER A 212 -21.31 29.24 18.30
CA SER A 212 -21.15 30.55 17.64
C SER A 212 -20.48 30.32 16.28
N GLN A 213 -20.74 31.22 15.34
CA GLN A 213 -19.97 31.37 14.08
C GLN A 213 -18.47 31.26 14.40
N ASN A 214 -17.98 31.89 15.48
CA ASN A 214 -16.53 31.93 15.80
C ASN A 214 -16.03 30.54 16.22
N ASP A 215 -16.82 29.79 16.98
CA ASP A 215 -16.52 28.38 17.37
C ASP A 215 -16.31 27.53 16.12
N ILE A 216 -17.28 27.58 15.20
CA ILE A 216 -17.28 26.80 13.91
C ILE A 216 -16.07 27.22 13.08
N PHE A 217 -15.83 28.52 12.91
CA PHE A 217 -14.68 29.06 12.13
C PHE A 217 -13.37 28.61 12.77
N GLY A 218 -13.31 28.57 14.10
CA GLY A 218 -12.15 28.10 14.89
C GLY A 218 -11.81 26.65 14.58
N LEU A 219 -12.82 25.78 14.51
CA LEU A 219 -12.66 24.35 14.17
C LEU A 219 -12.15 24.24 12.74
N ILE A 220 -12.74 24.98 11.79
CA ILE A 220 -12.34 24.95 10.36
C ILE A 220 -10.89 25.41 10.23
N ASP A 221 -10.55 26.57 10.82
CA ASP A 221 -9.24 27.25 10.68
C ASP A 221 -8.14 26.35 11.26
N LYS A 222 -8.33 25.78 12.45
CA LYS A 222 -7.30 24.97 13.16
C LYS A 222 -7.01 23.65 12.43
N THR A 223 -7.99 23.04 11.77
CA THR A 223 -7.88 21.68 11.17
C THR A 223 -7.60 21.76 9.66
N TYR A 224 -7.90 22.88 9.00
CA TYR A 224 -7.66 23.06 7.54
C TYR A 224 -6.20 22.74 7.17
N PRO A 225 -5.17 23.17 7.95
CA PRO A 225 -3.78 22.79 7.68
C PRO A 225 -3.55 21.27 7.71
N LYS A 226 -4.18 20.56 8.66
CA LYS A 226 -4.16 19.09 8.78
C LYS A 226 -4.69 18.46 7.48
N ILE A 227 -5.82 18.96 6.99
CA ILE A 227 -6.50 18.49 5.74
C ILE A 227 -5.56 18.72 4.55
N ASP A 228 -4.88 19.87 4.54
CA ASP A 228 -4.00 20.31 3.42
C ASP A 228 -2.85 19.31 3.27
N VAL A 229 -2.27 18.87 4.39
CA VAL A 229 -1.22 17.82 4.49
C VAL A 229 -1.75 16.54 3.84
N VAL A 230 -2.92 16.07 4.27
CA VAL A 230 -3.59 14.86 3.70
C VAL A 230 -3.71 15.05 2.18
N LYS A 231 -4.18 16.20 1.72
CA LYS A 231 -4.34 16.51 0.27
C LYS A 231 -2.99 16.33 -0.44
N ARG A 232 -1.92 16.87 0.14
CA ARG A 232 -0.56 16.93 -0.50
C ARG A 232 0.05 15.53 -0.61
N ILE A 233 -0.10 14.69 0.41
CA ILE A 233 0.47 13.32 0.45
C ILE A 233 -0.36 12.38 -0.43
N SER A 234 -1.68 12.52 -0.42
CA SER A 234 -2.59 11.72 -1.29
C SER A 234 -2.21 11.94 -2.75
N ALA A 235 -1.75 13.14 -3.09
CA ALA A 235 -1.33 13.50 -4.46
C ALA A 235 -0.03 12.73 -4.81
N GLU A 236 0.82 12.49 -3.82
CA GLU A 236 2.10 11.75 -4.00
C GLU A 236 1.81 10.29 -4.38
N PHE A 237 0.70 9.73 -3.91
CA PHE A 237 0.23 8.37 -4.28
C PHE A 237 0.03 8.30 -5.80
N ARG A 238 -0.34 9.43 -6.41
CA ARG A 238 -0.77 9.54 -7.83
C ARG A 238 0.35 10.12 -8.69
N ASP A 239 1.53 10.33 -8.11
CA ASP A 239 2.75 10.79 -8.82
C ASP A 239 3.68 9.58 -9.04
N PRO A 240 3.88 9.14 -10.30
CA PRO A 240 4.61 7.90 -10.57
C PRO A 240 6.11 7.98 -10.20
N SER A 241 6.63 9.15 -9.84
CA SER A 241 8.01 9.29 -9.31
C SER A 241 8.06 9.04 -7.80
N LEU A 242 6.95 9.23 -7.09
CA LEU A 242 6.95 9.17 -5.61
C LEU A 242 6.29 7.87 -5.13
N CYS A 243 5.47 7.25 -5.98
CA CYS A 243 4.64 6.10 -5.57
C CYS A 243 4.51 5.09 -6.71
N THR A 244 4.68 3.80 -6.41
CA THR A 244 4.34 2.68 -7.31
C THR A 244 3.70 1.57 -6.49
N PHE A 245 2.86 0.78 -7.15
CA PHE A 245 2.14 -0.36 -6.55
C PHE A 245 2.63 -1.61 -7.28
N VAL A 246 3.23 -2.54 -6.53
CA VAL A 246 3.70 -3.84 -7.07
C VAL A 246 2.65 -4.92 -6.84
N GLY A 247 2.18 -5.54 -7.91
CA GLY A 247 1.26 -6.69 -7.85
C GLY A 247 2.00 -7.97 -7.48
N VAL A 248 1.37 -8.81 -6.67
CA VAL A 248 1.88 -10.18 -6.38
C VAL A 248 0.77 -11.14 -6.78
N CYS A 249 1.12 -12.23 -7.44
CA CYS A 249 0.14 -13.23 -7.90
C CYS A 249 0.79 -14.60 -7.89
N ILE A 250 -0.03 -15.64 -8.03
CA ILE A 250 0.44 -17.00 -8.37
C ILE A 250 -0.06 -17.28 -9.77
N PRO A 251 0.62 -18.17 -10.52
CA PRO A 251 0.22 -18.47 -11.90
C PRO A 251 -0.95 -19.46 -11.93
N GLU A 252 -2.14 -18.98 -11.59
CA GLU A 252 -3.42 -19.76 -11.49
C GLU A 252 -4.57 -18.83 -11.88
N PHE A 253 -5.65 -19.40 -12.41
CA PHE A 253 -6.80 -18.63 -12.96
C PHE A 253 -7.24 -17.55 -11.96
N LEU A 254 -7.56 -17.95 -10.72
CA LEU A 254 -8.20 -17.05 -9.73
C LEU A 254 -7.26 -15.88 -9.43
N SER A 255 -5.95 -16.12 -9.35
CA SER A 255 -4.97 -15.07 -8.98
C SER A 255 -4.82 -14.09 -10.15
N LEU A 256 -4.82 -14.56 -11.39
CA LEU A 256 -4.75 -13.63 -12.57
C LEU A 256 -6.00 -12.76 -12.60
N TYR A 257 -7.16 -13.33 -12.31
CA TYR A 257 -8.45 -12.60 -12.24
C TYR A 257 -8.35 -11.47 -11.22
N GLU A 258 -7.92 -11.78 -10.00
CA GLU A 258 -7.75 -10.79 -8.91
C GLU A 258 -6.70 -9.74 -9.32
N THR A 259 -5.66 -10.15 -10.05
CA THR A 259 -4.59 -9.23 -10.49
C THR A 259 -5.16 -8.25 -11.53
N GLU A 260 -5.92 -8.71 -12.52
CA GLU A 260 -6.61 -7.86 -13.53
C GLU A 260 -7.45 -6.80 -12.82
N ARG A 261 -8.18 -7.20 -11.78
CA ARG A 261 -9.13 -6.31 -11.06
C ARG A 261 -8.35 -5.31 -10.20
N LEU A 262 -7.23 -5.72 -9.59
CA LEU A 262 -6.35 -4.78 -8.85
C LEU A 262 -5.76 -3.74 -9.84
N VAL A 263 -5.30 -4.17 -11.02
CA VAL A 263 -4.64 -3.27 -12.02
C VAL A 263 -5.66 -2.24 -12.53
N GLN A 264 -6.91 -2.67 -12.79
CA GLN A 264 -8.00 -1.77 -13.25
C GLN A 264 -8.31 -0.75 -12.16
N ARG A 265 -8.43 -1.19 -10.91
CA ARG A 265 -8.77 -0.32 -9.76
C ARG A 265 -7.67 0.73 -9.57
N LEU A 266 -6.41 0.42 -9.89
CA LEU A 266 -5.26 1.36 -9.68
C LEU A 266 -5.26 2.42 -10.79
N ALA A 267 -5.65 2.05 -12.02
CA ALA A 267 -5.91 2.98 -13.14
C ALA A 267 -6.99 4.00 -12.72
N VAL A 268 -8.13 3.55 -12.21
CA VAL A 268 -9.23 4.43 -11.69
C VAL A 268 -8.65 5.44 -10.68
N LEU A 269 -7.74 4.99 -9.81
CA LEU A 269 -7.15 5.79 -8.71
C LEU A 269 -5.94 6.59 -9.20
N ASP A 270 -5.59 6.52 -10.48
CA ASP A 270 -4.43 7.23 -11.12
C ASP A 270 -3.11 6.84 -10.45
N MET A 271 -2.97 5.59 -10.00
CA MET A 271 -1.76 5.10 -9.29
C MET A 271 -0.96 4.16 -10.19
N ASP A 272 0.35 4.32 -10.17
CA ASP A 272 1.29 3.59 -11.06
C ASP A 272 1.40 2.13 -10.59
N CYS A 273 1.25 1.21 -11.55
CA CYS A 273 1.56 -0.23 -11.41
C CYS A 273 2.21 -0.68 -12.72
N HIS A 274 3.50 -1.00 -12.69
CA HIS A 274 4.30 -1.47 -13.87
C HIS A 274 5.12 -2.72 -13.52
N ALA A 275 4.88 -3.34 -12.37
CA ALA A 275 5.64 -4.50 -11.85
C ALA A 275 4.69 -5.52 -11.22
N ILE A 276 4.90 -6.80 -11.56
CA ILE A 276 4.20 -7.96 -10.94
C ILE A 276 5.26 -8.98 -10.54
N VAL A 277 5.13 -9.49 -9.34
CA VAL A 277 5.89 -10.67 -8.85
C VAL A 277 4.98 -11.89 -8.96
N ILE A 278 5.38 -12.84 -9.80
CA ILE A 278 4.76 -14.19 -9.87
C ILE A 278 5.50 -15.08 -8.88
N ASN A 279 4.79 -15.54 -7.85
CA ASN A 279 5.42 -16.25 -6.71
C ASN A 279 5.10 -17.74 -6.85
N PHE A 280 5.82 -18.58 -6.09
CA PHE A 280 5.64 -20.05 -6.01
C PHE A 280 5.92 -20.69 -7.39
N VAL A 281 6.78 -20.12 -8.20
CA VAL A 281 7.08 -20.61 -9.56
C VAL A 281 7.91 -21.89 -9.48
N LEU A 282 7.44 -22.96 -10.11
CA LEU A 282 8.08 -24.30 -10.02
C LEU A 282 9.24 -24.36 -11.01
N ASP A 283 10.36 -24.89 -10.56
CA ASP A 283 11.56 -25.18 -11.38
C ASP A 283 11.43 -26.63 -11.86
N ALA A 284 10.51 -26.88 -12.80
CA ALA A 284 10.23 -28.22 -13.34
C ALA A 284 9.83 -28.08 -14.80
N ASN A 285 10.04 -29.15 -15.57
CA ASN A 285 9.58 -29.21 -16.99
C ASN A 285 9.18 -30.65 -17.32
N ALA A 286 8.98 -30.94 -18.60
CA ALA A 286 8.56 -32.27 -19.10
C ALA A 286 9.56 -33.36 -18.67
N ALA A 287 10.82 -33.02 -18.41
CA ALA A 287 11.91 -33.98 -18.07
C ALA A 287 12.04 -34.15 -16.55
N THR A 288 11.29 -33.41 -15.74
CA THR A 288 11.36 -33.49 -14.25
C THR A 288 10.76 -34.82 -13.82
N PRO A 289 11.49 -35.67 -13.07
CA PRO A 289 10.93 -36.94 -12.58
C PRO A 289 9.60 -36.81 -11.83
N CYS A 290 9.52 -35.96 -10.80
CA CYS A 290 8.30 -35.69 -9.98
C CYS A 290 7.06 -35.40 -10.84
N SER A 291 6.04 -36.24 -10.78
CA SER A 291 4.84 -36.07 -11.63
C SER A 291 3.99 -34.90 -11.09
N MET A 292 4.03 -34.63 -9.79
CA MET A 292 3.33 -33.48 -9.18
C MET A 292 3.95 -32.17 -9.73
N CYS A 293 5.25 -31.96 -9.55
CA CYS A 293 5.93 -30.72 -10.01
C CYS A 293 5.82 -30.61 -11.55
N ARG A 294 5.92 -31.72 -12.27
CA ARG A 294 5.86 -31.71 -13.75
C ARG A 294 4.49 -31.18 -14.21
N SER A 295 3.38 -31.70 -13.69
CA SER A 295 2.02 -31.30 -14.17
C SER A 295 1.71 -29.87 -13.69
N ARG A 296 2.07 -29.53 -12.46
CA ARG A 296 1.81 -28.17 -11.90
C ARG A 296 2.59 -27.14 -12.72
N ALA A 297 3.82 -27.43 -13.11
CA ALA A 297 4.66 -26.55 -13.95
C ALA A 297 4.00 -26.34 -15.30
N ARG A 298 3.27 -27.33 -15.80
CA ARG A 298 2.54 -27.25 -17.09
C ARG A 298 1.40 -26.24 -16.92
N MET A 299 0.66 -26.35 -15.83
CA MET A 299 -0.42 -25.40 -15.48
C MET A 299 0.18 -23.98 -15.35
N GLN A 300 1.22 -23.82 -14.54
CA GLN A 300 1.83 -22.47 -14.30
C GLN A 300 2.27 -21.86 -15.63
N ASN A 301 2.82 -22.67 -16.53
CA ASN A 301 3.38 -22.22 -17.83
C ASN A 301 2.29 -21.46 -18.62
N LYS A 302 1.09 -22.02 -18.72
CA LYS A 302 -0.07 -21.38 -19.39
C LYS A 302 -0.27 -19.95 -18.84
N TYR A 303 -0.29 -19.79 -17.52
CA TYR A 303 -0.68 -18.53 -16.85
C TYR A 303 0.49 -17.54 -16.88
N ILE A 304 1.75 -18.01 -16.78
CA ILE A 304 2.94 -17.13 -16.94
C ILE A 304 2.92 -16.54 -18.36
N ASP A 305 2.72 -17.37 -19.40
CA ASP A 305 2.62 -16.88 -20.81
C ASP A 305 1.48 -15.86 -20.94
N GLN A 306 0.33 -16.11 -20.31
CA GLN A 306 -0.79 -15.15 -20.30
C GLN A 306 -0.35 -13.81 -19.68
N ILE A 307 0.36 -13.86 -18.55
CA ILE A 307 0.89 -12.62 -17.89
C ILE A 307 1.92 -11.95 -18.82
N ASN A 308 2.86 -12.70 -19.39
CA ASN A 308 3.87 -12.14 -20.32
C ASN A 308 3.16 -11.39 -21.46
N GLU A 309 2.07 -11.95 -21.98
CA GLU A 309 1.28 -11.36 -23.09
C GLU A 309 0.56 -10.09 -22.61
N LEU A 310 -0.27 -10.22 -21.57
CA LEU A 310 -1.17 -9.14 -21.09
C LEU A 310 -0.38 -7.93 -20.57
N TYR A 311 0.74 -8.15 -19.85
CA TYR A 311 1.51 -7.08 -19.16
C TYR A 311 2.90 -6.97 -19.80
N ASP A 312 2.96 -6.78 -21.12
CA ASP A 312 4.22 -6.84 -21.91
C ASP A 312 5.09 -5.60 -21.66
N ASP A 313 4.52 -4.55 -21.04
CA ASP A 313 5.28 -3.33 -20.62
C ASP A 313 5.59 -3.36 -19.11
N PHE A 314 5.36 -4.47 -18.40
CA PHE A 314 5.64 -4.58 -16.94
C PHE A 314 6.98 -5.27 -16.71
N ASN A 315 7.60 -4.99 -15.57
CA ASN A 315 8.62 -5.90 -14.98
C ASN A 315 7.86 -7.10 -14.45
N ILE A 316 8.12 -8.30 -15.00
CA ILE A 316 7.53 -9.58 -14.53
C ILE A 316 8.61 -10.38 -13.81
N VAL A 317 8.52 -10.44 -12.49
CA VAL A 317 9.55 -11.06 -11.63
C VAL A 317 9.09 -12.47 -11.28
N LEU A 318 9.96 -13.45 -11.52
CA LEU A 318 9.65 -14.87 -11.26
C LEU A 318 10.30 -15.25 -9.95
N SER A 319 9.49 -15.36 -8.90
CA SER A 319 9.93 -15.74 -7.54
C SER A 319 9.69 -17.24 -7.37
N PRO A 320 10.77 -18.05 -7.28
CA PRO A 320 10.62 -19.50 -7.27
C PRO A 320 10.02 -20.02 -5.96
N LEU A 321 9.27 -21.11 -6.05
CA LEU A 321 8.94 -21.92 -4.86
C LEU A 321 10.25 -22.24 -4.10
N ARG A 322 10.23 -22.06 -2.78
CA ARG A 322 11.37 -22.38 -1.88
C ARG A 322 11.05 -23.64 -1.10
N HIS A 323 12.11 -24.27 -0.55
CA HIS A 323 12.11 -25.60 0.14
C HIS A 323 11.44 -25.48 1.52
N ASP A 324 11.18 -24.26 1.97
CA ASP A 324 10.69 -24.00 3.35
C ASP A 324 9.89 -22.70 3.31
N GLU A 325 9.03 -22.49 4.29
CA GLU A 325 8.34 -21.19 4.51
C GLU A 325 9.41 -20.08 4.60
N VAL A 326 9.03 -18.84 4.35
CA VAL A 326 9.98 -17.70 4.36
C VAL A 326 9.83 -16.96 5.69
N ARG A 327 10.41 -17.51 6.76
CA ARG A 327 10.43 -16.88 8.10
C ARG A 327 11.87 -16.59 8.55
N GLY A 328 12.08 -15.42 9.14
CA GLY A 328 13.40 -14.97 9.66
C GLY A 328 14.16 -14.22 8.59
N ILE A 329 15.13 -13.40 9.01
CA ILE A 329 15.86 -12.45 8.14
C ILE A 329 16.69 -13.22 7.11
N ALA A 330 17.24 -14.39 7.43
CA ALA A 330 18.10 -15.15 6.50
C ALA A 330 17.24 -15.54 5.30
N ASN A 331 16.02 -16.03 5.56
CA ASN A 331 15.06 -16.43 4.50
C ASN A 331 14.58 -15.20 3.73
N LEU A 332 14.24 -14.11 4.43
CA LEU A 332 13.75 -12.86 3.79
C LEU A 332 14.85 -12.32 2.87
N ARG A 333 16.11 -12.40 3.31
CA ARG A 333 17.30 -12.04 2.49
C ARG A 333 17.39 -12.91 1.25
N ASP A 334 17.34 -14.24 1.38
CA ASP A 334 17.43 -15.16 0.22
C ASP A 334 16.27 -14.84 -0.74
N TYR A 335 15.06 -14.62 -0.22
CA TYR A 335 13.87 -14.33 -1.06
C TYR A 335 14.12 -13.03 -1.84
N ALA A 336 14.74 -12.04 -1.20
CA ALA A 336 15.00 -10.72 -1.82
C ALA A 336 15.99 -10.87 -2.99
N GLU A 337 16.93 -11.82 -2.93
CA GLU A 337 17.92 -11.99 -4.02
C GLU A 337 17.19 -12.25 -5.35
N THR A 338 16.11 -13.04 -5.36
CA THR A 338 15.37 -13.38 -6.61
C THR A 338 14.44 -12.24 -7.00
N LEU A 339 14.29 -11.21 -6.16
CA LEU A 339 13.54 -9.99 -6.57
C LEU A 339 14.44 -9.12 -7.48
N ILE A 340 15.77 -9.23 -7.38
CA ILE A 340 16.66 -8.33 -8.18
C ILE A 340 17.60 -9.13 -9.10
N LYS A 341 17.91 -10.39 -8.78
CA LYS A 341 18.73 -11.29 -9.64
C LYS A 341 17.81 -12.35 -10.26
N PRO A 342 17.39 -12.18 -11.52
CA PRO A 342 16.39 -13.07 -12.12
C PRO A 342 16.85 -14.53 -12.06
N TYR A 343 16.04 -15.37 -11.41
CA TYR A 343 16.30 -16.82 -11.23
C TYR A 343 16.33 -17.49 -12.60
N ARG A 344 17.31 -18.38 -12.81
CA ARG A 344 17.40 -19.26 -14.00
C ARG A 344 16.71 -20.57 -13.66
N PHE A 345 15.60 -20.83 -14.35
CA PHE A 345 14.80 -22.06 -14.24
C PHE A 345 15.30 -23.07 -15.29
N CYS A 346 15.17 -24.37 -14.99
CA CYS A 346 15.48 -25.46 -15.95
C CYS A 346 14.81 -25.16 -17.30
N TRP A 347 13.70 -24.40 -17.31
CA TRP A 347 12.89 -24.12 -18.53
C TRP A 347 13.16 -22.71 -19.09
N SER A 348 14.18 -22.00 -18.58
CA SER A 348 14.52 -20.60 -18.99
C SER A 348 15.06 -20.60 -20.42
N ALA A 349 14.99 -19.45 -21.10
CA ALA A 349 15.43 -19.25 -22.50
C ALA A 349 16.95 -19.07 -22.55
#